data_7Y1P
#
_entry.id   7Y1P
#
_cell.length_a   155.343
_cell.length_b   155.343
_cell.length_c   107.061
_cell.angle_alpha   90.000
_cell.angle_beta   90.000
_cell.angle_gamma   90.000
#
_symmetry.space_group_name_H-M   'I 4'
#
loop_
_entity.id
_entity.type
_entity.pdbx_description
1 polymer Axin-1
2 non-polymer (2~{Z},4~{Z})-2-methyl-5-(8-oxidanyldibenzofuran-4-yl)penta-2,4-dienal
#
_entity_poly.entity_id   1
_entity_poly.type   'polypeptide(L)'
_entity_poly.pdbx_seq_one_letter_code
;GSASPTPPYLKWAESLHSLLDDQDGISLFRTFLKQEGCADLLDFWFACTGFRKLEPCDSNEEKRLKLARAIYRKYILDNN
GIVSRQTKPATKSFIKGCIMKQLIDPAMFDQAQTEIQATMEENTYPSFLKSDIYLEYTRTGSESPKV
;
_entity_poly.pdbx_strand_id   A,B,C,D
#
loop_
_chem_comp.id
_chem_comp.type
_chem_comp.name
_chem_comp.formula
I5L non-polymer (2~{Z},4~{Z})-2-methyl-5-(8-oxidanyldibenzofuran-4-yl)penta-2,4-dienal 'C18 H14 O3'
#
# COMPACT_ATOMS: atom_id res chain seq x y z
N SER A 4 -54.02 17.94 -10.92
CA SER A 4 -52.98 18.65 -10.15
C SER A 4 -51.96 17.69 -9.51
N PRO A 5 -50.68 17.86 -9.84
CA PRO A 5 -49.64 16.91 -9.41
C PRO A 5 -49.20 17.08 -7.97
N THR A 6 -48.77 15.97 -7.35
CA THR A 6 -48.26 16.02 -5.99
C THR A 6 -47.16 17.07 -5.93
N PRO A 7 -47.23 18.04 -5.01
CA PRO A 7 -46.25 19.11 -5.01
C PRO A 7 -44.88 18.60 -4.61
N PRO A 8 -43.81 19.24 -5.09
CA PRO A 8 -42.46 18.70 -4.89
C PRO A 8 -42.07 18.54 -3.43
N TYR A 9 -42.42 19.51 -2.58
CA TYR A 9 -42.02 19.42 -1.17
C TYR A 9 -42.49 18.12 -0.51
N LEU A 10 -43.56 17.50 -1.02
CA LEU A 10 -43.97 16.21 -0.47
C LEU A 10 -43.04 15.10 -0.93
N LYS A 11 -42.56 15.18 -2.17
CA LYS A 11 -41.60 14.18 -2.62
C LYS A 11 -40.30 14.33 -1.86
N TRP A 12 -39.86 15.56 -1.58
CA TRP A 12 -38.64 15.71 -0.80
C TRP A 12 -38.80 15.06 0.56
N ALA A 13 -40.01 14.99 1.08
CA ALA A 13 -40.20 14.33 2.37
C ALA A 13 -40.26 12.80 2.26
N GLU A 14 -40.39 12.28 1.04
CA GLU A 14 -40.39 10.83 0.76
C GLU A 14 -39.00 10.25 0.87
N SER A 15 -38.02 10.88 0.25
CA SER A 15 -36.68 10.37 0.24
C SER A 15 -35.67 11.45 -0.04
N LEU A 16 -34.47 11.31 0.56
CA LEU A 16 -33.32 12.15 0.22
C LEU A 16 -33.06 12.19 -1.28
N HIS A 17 -33.30 11.09 -1.99
CA HIS A 17 -33.06 11.10 -3.42
C HIS A 17 -33.98 12.09 -4.14
N SER A 18 -35.26 12.16 -3.75
CA SER A 18 -36.15 13.11 -4.38
C SER A 18 -35.73 14.54 -4.08
N LEU A 19 -35.35 14.81 -2.83
CA LEU A 19 -34.87 16.14 -2.45
C LEU A 19 -33.70 16.58 -3.33
N LEU A 20 -32.71 15.71 -3.52
CA LEU A 20 -31.52 16.02 -4.29
C LEU A 20 -31.73 16.00 -5.80
N ASP A 21 -32.91 15.62 -6.30
CA ASP A 21 -33.20 15.67 -7.72
C ASP A 21 -33.84 16.97 -8.15
N ASP A 22 -33.95 17.92 -7.25
CA ASP A 22 -34.75 19.11 -7.44
C ASP A 22 -33.89 20.33 -7.14
N GLN A 23 -33.74 21.24 -8.11
CA GLN A 23 -32.87 22.40 -7.91
C GLN A 23 -33.29 23.19 -6.68
N ASP A 24 -34.59 23.37 -6.48
CA ASP A 24 -35.03 24.12 -5.30
C ASP A 24 -34.71 23.36 -4.01
N GLY A 25 -34.87 22.04 -4.02
CA GLY A 25 -34.57 21.25 -2.84
C GLY A 25 -33.08 21.21 -2.55
N ILE A 26 -32.25 21.07 -3.60
CA ILE A 26 -30.80 21.14 -3.40
C ILE A 26 -30.43 22.47 -2.75
N SER A 27 -30.97 23.58 -3.26
CA SER A 27 -30.63 24.88 -2.72
C SER A 27 -31.12 25.04 -1.27
N LEU A 28 -32.33 24.57 -0.97
CA LEU A 28 -32.82 24.67 0.40
C LEU A 28 -32.07 23.73 1.34
N PHE A 29 -31.80 22.51 0.90
CA PHE A 29 -31.02 21.61 1.75
C PHE A 29 -29.63 22.17 1.99
N ARG A 30 -28.97 22.67 0.94
CA ARG A 30 -27.63 23.21 1.12
C ARG A 30 -27.62 24.42 2.06
N THR A 31 -28.65 25.28 1.97
CA THR A 31 -28.77 26.40 2.92
C THR A 31 -28.76 25.89 4.35
N PHE A 32 -29.60 24.90 4.63
CA PHE A 32 -29.67 24.33 5.97
C PHE A 32 -28.33 23.76 6.41
N LEU A 33 -27.62 23.10 5.50
CA LEU A 33 -26.32 22.54 5.86
C LEU A 33 -25.31 23.64 6.12
N LYS A 34 -25.33 24.70 5.32
CA LYS A 34 -24.47 25.84 5.59
C LYS A 34 -24.72 26.41 6.99
N GLN A 35 -25.99 26.52 7.41
CA GLN A 35 -26.28 26.98 8.77
C GLN A 35 -25.68 26.07 9.83
N GLU A 36 -25.57 24.77 9.55
CA GLU A 36 -25.01 23.80 10.49
C GLU A 36 -23.52 23.57 10.32
N GLY A 37 -22.89 24.12 9.29
CA GLY A 37 -21.49 23.84 9.01
C GLY A 37 -21.20 22.48 8.39
N CYS A 38 -22.15 21.90 7.64
CA CYS A 38 -21.97 20.59 7.03
C CYS A 38 -22.15 20.60 5.52
N ALA A 39 -22.09 21.76 4.85
CA ALA A 39 -22.36 21.74 3.41
C ALA A 39 -21.43 20.82 2.65
N ASP A 40 -20.30 20.43 3.24
CA ASP A 40 -19.36 19.55 2.54
C ASP A 40 -19.97 18.18 2.26
N LEU A 41 -20.81 17.68 3.15
CA LEU A 41 -21.52 16.43 2.90
C LEU A 41 -22.23 16.46 1.55
N LEU A 42 -23.01 17.51 1.28
CA LEU A 42 -23.78 17.56 0.05
C LEU A 42 -22.87 17.79 -1.15
N ASP A 43 -21.87 18.68 -1.03
CA ASP A 43 -20.99 18.92 -2.18
C ASP A 43 -20.16 17.67 -2.52
N PHE A 44 -19.61 17.01 -1.51
CA PHE A 44 -18.92 15.74 -1.75
C PHE A 44 -19.85 14.76 -2.48
N TRP A 45 -21.09 14.64 -2.00
CA TRP A 45 -22.02 13.71 -2.61
C TRP A 45 -22.21 14.01 -4.10
N PHE A 46 -22.36 15.29 -4.46
CA PHE A 46 -22.51 15.64 -5.86
C PHE A 46 -21.21 15.47 -6.63
N ALA A 47 -20.07 15.73 -5.98
CA ALA A 47 -18.78 15.55 -6.66
C ALA A 47 -18.57 14.10 -7.08
N CYS A 48 -18.96 13.15 -6.22
CA CYS A 48 -18.78 11.74 -6.59
C CYS A 48 -19.63 11.38 -7.81
N THR A 49 -20.90 11.79 -7.81
CA THR A 49 -21.74 11.54 -8.97
C THR A 49 -21.15 12.16 -10.23
N GLY A 50 -20.76 13.43 -10.15
CA GLY A 50 -20.13 14.05 -11.29
C GLY A 50 -18.95 13.22 -11.79
N PHE A 51 -18.14 12.71 -10.85
CA PHE A 51 -16.97 11.94 -11.27
C PHE A 51 -17.39 10.58 -11.85
N ARG A 52 -18.29 9.88 -11.19
CA ARG A 52 -18.60 8.53 -11.63
C ARG A 52 -19.21 8.49 -13.03
N LYS A 53 -19.84 9.57 -13.49
CA LYS A 53 -20.41 9.51 -14.83
C LYS A 53 -19.44 9.80 -15.95
N LEU A 54 -18.22 10.24 -15.68
CA LEU A 54 -17.28 10.49 -16.76
C LEU A 54 -16.86 9.15 -17.39
N GLU A 55 -16.90 9.09 -18.72
CA GLU A 55 -16.55 7.84 -19.41
C GLU A 55 -15.05 7.63 -19.34
N PRO A 56 -14.60 6.47 -18.87
CA PRO A 56 -13.16 6.20 -18.81
C PRO A 56 -12.56 6.01 -20.19
N CYS A 57 -11.94 7.01 -20.77
CA CYS A 57 -11.34 6.82 -22.08
C CYS A 57 -10.05 7.63 -22.11
N ASP A 58 -9.19 7.29 -23.06
CA ASP A 58 -7.88 7.92 -23.02
C ASP A 58 -7.95 9.42 -23.28
N SER A 59 -9.02 9.90 -23.90
CA SER A 59 -9.08 11.33 -24.18
C SER A 59 -9.43 12.16 -22.95
N ASN A 60 -10.18 11.62 -21.98
CA ASN A 60 -10.40 12.37 -20.75
C ASN A 60 -9.73 11.73 -19.53
N GLU A 61 -8.51 11.24 -19.71
CA GLU A 61 -7.83 10.58 -18.61
C GLU A 61 -7.14 11.61 -17.73
N GLU A 62 -6.65 12.70 -18.32
CA GLU A 62 -6.16 13.79 -17.49
C GLU A 62 -7.30 14.44 -16.74
N LYS A 63 -8.42 14.70 -17.42
CA LYS A 63 -9.56 15.31 -16.76
C LYS A 63 -10.01 14.49 -15.55
N ARG A 64 -10.17 13.17 -15.72
CA ARG A 64 -10.64 12.36 -14.60
C ARG A 64 -9.61 12.28 -13.49
N LEU A 65 -8.32 12.37 -13.85
CA LEU A 65 -7.27 12.28 -12.86
C LEU A 65 -7.22 13.53 -11.97
N LYS A 66 -7.21 14.74 -12.57
CA LYS A 66 -7.23 15.92 -11.72
C LYS A 66 -8.53 15.99 -10.93
N LEU A 67 -9.63 15.49 -11.50
CA LEU A 67 -10.88 15.55 -10.78
C LEU A 67 -10.87 14.62 -9.58
N ALA A 68 -10.36 13.40 -9.75
CA ALA A 68 -10.24 12.50 -8.61
C ALA A 68 -9.33 13.08 -7.55
N ARG A 69 -8.21 13.67 -7.99
CA ARG A 69 -7.28 14.31 -7.06
C ARG A 69 -7.95 15.43 -6.31
N ALA A 70 -8.71 16.28 -7.00
CA ALA A 70 -9.40 17.40 -6.36
C ALA A 70 -10.40 16.94 -5.30
N ILE A 71 -11.20 15.91 -5.62
CA ILE A 71 -12.12 15.37 -4.63
C ILE A 71 -11.35 14.76 -3.45
N TYR A 72 -10.27 14.02 -3.73
CA TYR A 72 -9.49 13.45 -2.62
C TYR A 72 -8.89 14.55 -1.76
N ARG A 73 -8.35 15.58 -2.40
CA ARG A 73 -7.66 16.65 -1.69
C ARG A 73 -8.62 17.46 -0.83
N LYS A 74 -9.78 17.80 -1.36
CA LYS A 74 -10.68 18.68 -0.63
C LYS A 74 -11.44 17.98 0.50
N TYR A 75 -11.86 16.72 0.30
CA TYR A 75 -12.80 16.09 1.22
C TYR A 75 -12.24 14.90 1.99
N ILE A 76 -11.16 14.28 1.53
CA ILE A 76 -10.61 13.10 2.15
C ILE A 76 -9.32 13.42 2.89
N LEU A 77 -8.38 14.06 2.19
CA LEU A 77 -7.10 14.42 2.78
C LEU A 77 -7.29 15.36 3.96
N ASP A 78 -8.25 16.27 3.85
CA ASP A 78 -8.47 17.28 4.88
C ASP A 78 -9.07 16.61 6.10
N ASN A 79 -8.20 16.30 7.06
CA ASN A 79 -8.61 15.59 8.24
C ASN A 79 -9.56 16.37 9.13
N ASN A 80 -9.66 17.68 8.93
CA ASN A 80 -10.57 18.53 9.72
C ASN A 80 -12.03 18.45 9.25
N GLY A 81 -12.26 18.37 7.94
CA GLY A 81 -13.60 18.50 7.38
C GLY A 81 -14.55 17.39 7.79
N ILE A 82 -15.84 17.66 7.57
CA ILE A 82 -16.88 16.75 8.02
C ILE A 82 -16.86 15.48 7.19
N VAL A 83 -16.53 15.56 5.90
CA VAL A 83 -16.52 14.36 5.07
C VAL A 83 -15.46 13.38 5.56
N SER A 84 -14.26 13.88 5.85
CA SER A 84 -13.20 13.02 6.35
C SER A 84 -13.55 12.36 7.67
N ARG A 85 -14.31 13.05 8.53
CA ARG A 85 -14.66 12.46 9.82
C ARG A 85 -15.82 11.50 9.74
N GLN A 86 -16.62 11.54 8.67
CA GLN A 86 -17.79 10.70 8.51
C GLN A 86 -17.59 9.50 7.56
N THR A 87 -16.42 9.34 6.96
CA THR A 87 -16.15 8.19 6.12
C THR A 87 -15.22 7.26 6.88
N LYS A 88 -15.33 5.97 6.61
CA LYS A 88 -14.52 5.01 7.32
C LYS A 88 -13.04 5.16 6.97
N PRO A 89 -12.14 4.97 7.94
CA PRO A 89 -10.70 5.04 7.61
C PRO A 89 -10.27 4.10 6.51
N ALA A 90 -10.77 2.86 6.49
CA ALA A 90 -10.38 1.94 5.40
C ALA A 90 -10.83 2.47 4.03
N THR A 91 -12.03 3.08 3.97
CA THR A 91 -12.51 3.71 2.72
C THR A 91 -11.62 4.88 2.30
N LYS A 92 -11.15 5.65 3.28
CA LYS A 92 -10.28 6.76 2.93
C LYS A 92 -8.95 6.25 2.41
N SER A 93 -8.37 5.21 3.05
CA SER A 93 -7.10 4.69 2.56
C SER A 93 -7.28 4.05 1.20
N PHE A 94 -8.39 3.38 0.99
CA PHE A 94 -8.63 2.82 -0.33
C PHE A 94 -8.62 3.91 -1.39
N ILE A 95 -9.38 4.99 -1.19
CA ILE A 95 -9.42 6.09 -2.16
C ILE A 95 -8.03 6.67 -2.37
N LYS A 96 -7.29 6.84 -1.27
CA LYS A 96 -5.94 7.36 -1.36
C LYS A 96 -5.05 6.46 -2.23
N GLY A 97 -5.14 5.15 -2.00
CA GLY A 97 -4.46 4.19 -2.87
C GLY A 97 -4.79 4.37 -4.34
N CYS A 98 -6.08 4.50 -4.67
CA CYS A 98 -6.44 4.72 -6.06
C CYS A 98 -5.78 5.97 -6.59
N ILE A 99 -5.75 7.04 -5.78
CA ILE A 99 -5.17 8.29 -6.25
C ILE A 99 -3.68 8.13 -6.46
N MET A 100 -2.97 7.59 -5.45
CA MET A 100 -1.52 7.42 -5.56
C MET A 100 -1.12 6.53 -6.71
N LYS A 101 -1.77 5.36 -6.85
CA LYS A 101 -1.39 4.47 -7.93
C LYS A 101 -2.05 4.85 -9.25
N GLN A 102 -2.84 5.91 -9.28
CA GLN A 102 -3.52 6.34 -10.51
C GLN A 102 -4.37 5.23 -11.12
N LEU A 103 -5.11 4.50 -10.29
CA LEU A 103 -6.14 3.55 -10.72
C LEU A 103 -7.50 4.17 -10.39
N ILE A 104 -8.02 4.97 -11.33
CA ILE A 104 -9.14 5.89 -11.16
C ILE A 104 -10.43 5.31 -11.76
N ASP A 105 -10.90 4.18 -11.24
CA ASP A 105 -12.09 3.55 -11.81
C ASP A 105 -13.36 4.32 -11.43
N PRO A 106 -14.30 4.47 -12.34
CA PRO A 106 -15.46 5.34 -12.06
C PRO A 106 -16.19 5.09 -10.76
N ALA A 107 -16.16 3.87 -10.21
CA ALA A 107 -16.84 3.59 -8.96
C ALA A 107 -15.94 3.72 -7.74
N MET A 108 -14.74 4.30 -7.90
CA MET A 108 -13.76 4.32 -6.81
C MET A 108 -14.25 5.11 -5.60
N PHE A 109 -15.15 6.11 -5.79
CA PHE A 109 -15.72 6.88 -4.66
C PHE A 109 -17.06 6.35 -4.18
N ASP A 110 -17.64 5.33 -4.82
CA ASP A 110 -19.04 4.98 -4.56
C ASP A 110 -19.30 4.61 -3.11
N GLN A 111 -18.37 3.90 -2.45
CA GLN A 111 -18.61 3.50 -1.06
C GLN A 111 -18.48 4.68 -0.12
N ALA A 112 -17.54 5.60 -0.38
CA ALA A 112 -17.52 6.82 0.42
C ALA A 112 -18.83 7.59 0.22
N GLN A 113 -19.29 7.69 -1.03
CA GLN A 113 -20.56 8.35 -1.27
C GLN A 113 -21.69 7.68 -0.53
N THR A 114 -21.67 6.35 -0.45
CA THR A 114 -22.69 5.64 0.32
C THR A 114 -22.58 5.95 1.81
N GLU A 115 -21.37 6.06 2.35
CA GLU A 115 -21.24 6.35 3.77
C GLU A 115 -21.75 7.76 4.08
N ILE A 116 -21.46 8.71 3.20
CA ILE A 116 -21.89 10.09 3.41
C ILE A 116 -23.40 10.20 3.23
N GLN A 117 -23.95 9.49 2.24
CA GLN A 117 -25.39 9.48 2.09
C GLN A 117 -26.08 8.95 3.34
N ALA A 118 -25.53 7.89 3.93
CA ALA A 118 -26.05 7.36 5.19
C ALA A 118 -25.96 8.40 6.30
N THR A 119 -24.81 9.09 6.41
CA THR A 119 -24.69 10.18 7.38
C THR A 119 -25.83 11.19 7.22
N MET A 120 -26.13 11.59 5.97
CA MET A 120 -27.19 12.58 5.76
C MET A 120 -28.55 12.02 6.17
N GLU A 121 -28.89 10.80 5.75
CA GLU A 121 -30.18 10.24 6.11
C GLU A 121 -30.32 10.01 7.61
N GLU A 122 -29.22 9.99 8.36
CA GLU A 122 -29.29 9.73 9.79
C GLU A 122 -29.35 11.00 10.64
N ASN A 123 -29.00 12.16 10.11
CA ASN A 123 -29.12 13.36 10.92
C ASN A 123 -29.63 14.60 10.17
N THR A 124 -28.87 15.10 9.20
CA THR A 124 -29.20 16.39 8.63
C THR A 124 -30.47 16.34 7.76
N TYR A 125 -30.72 15.24 7.05
CA TYR A 125 -31.92 15.17 6.22
C TYR A 125 -33.20 15.15 7.05
N PRO A 126 -33.35 14.30 8.08
CA PRO A 126 -34.55 14.46 8.94
C PRO A 126 -34.59 15.82 9.62
N SER A 127 -33.47 16.33 10.11
CA SER A 127 -33.47 17.67 10.69
C SER A 127 -33.94 18.74 9.70
N PHE A 128 -33.45 18.68 8.45
CA PHE A 128 -33.89 19.64 7.44
C PHE A 128 -35.42 19.65 7.31
N LEU A 129 -36.04 18.47 7.36
CA LEU A 129 -37.49 18.36 7.21
C LEU A 129 -38.26 18.92 8.42
N LYS A 130 -37.60 19.14 9.55
CA LYS A 130 -38.20 19.85 10.67
C LYS A 130 -37.80 21.32 10.71
N SER A 131 -37.08 21.82 9.71
CA SER A 131 -36.50 23.14 9.78
C SER A 131 -37.44 24.21 9.21
N ASP A 132 -37.22 25.45 9.66
CA ASP A 132 -37.95 26.58 9.11
C ASP A 132 -37.69 26.73 7.62
N ILE A 133 -36.46 26.43 7.19
CA ILE A 133 -36.11 26.56 5.78
C ILE A 133 -37.05 25.73 4.93
N TYR A 134 -37.29 24.49 5.37
CA TYR A 134 -38.18 23.61 4.60
C TYR A 134 -39.64 23.94 4.88
N LEU A 135 -40.03 24.02 6.15
CA LEU A 135 -41.44 24.19 6.47
C LEU A 135 -41.98 25.50 5.89
N GLU A 136 -41.16 26.55 5.83
CA GLU A 136 -41.67 27.81 5.29
C GLU A 136 -41.69 27.81 3.77
N TYR A 137 -40.82 27.03 3.11
CA TYR A 137 -40.95 26.87 1.67
C TYR A 137 -42.27 26.19 1.34
N THR A 138 -42.72 25.36 2.27
CA THR A 138 -43.96 24.64 2.14
C THR A 138 -45.18 25.59 2.11
N ARG A 139 -45.18 26.65 2.93
CA ARG A 139 -46.25 27.65 2.89
C ARG A 139 -46.13 28.61 1.72
N THR A 140 -44.99 29.33 1.60
CA THR A 140 -44.88 30.48 0.70
C THR A 140 -43.87 30.29 -0.43
N GLY A 141 -43.74 29.08 -0.97
CA GLY A 141 -42.66 28.82 -1.92
C GLY A 141 -43.03 29.26 -3.35
N SER A 142 -42.02 29.29 -4.23
CA SER A 142 -42.27 29.57 -5.66
C SER A 142 -41.54 28.55 -6.54
N SER B 4 -41.88 -12.07 -32.92
CA SER B 4 -40.83 -13.07 -32.74
C SER B 4 -39.54 -12.41 -32.20
N PRO B 5 -39.08 -12.85 -31.02
CA PRO B 5 -37.97 -12.15 -30.34
C PRO B 5 -36.61 -12.53 -30.91
N THR B 6 -35.68 -11.56 -30.87
CA THR B 6 -34.33 -11.80 -31.36
C THR B 6 -33.77 -13.04 -30.67
N PRO B 7 -33.29 -14.03 -31.41
CA PRO B 7 -32.79 -15.24 -30.76
C PRO B 7 -31.49 -14.96 -30.02
N PRO B 8 -31.20 -15.72 -28.96
CA PRO B 8 -30.06 -15.37 -28.08
C PRO B 8 -28.73 -15.35 -28.77
N TYR B 9 -28.46 -16.32 -29.65
CA TYR B 9 -27.16 -16.35 -30.32
C TYR B 9 -26.84 -15.04 -31.04
N LEU B 10 -27.86 -14.29 -31.47
CA LEU B 10 -27.62 -12.99 -32.09
C LEU B 10 -27.29 -11.93 -31.05
N LYS B 11 -27.94 -11.99 -29.88
CA LYS B 11 -27.60 -11.08 -28.80
C LYS B 11 -26.17 -11.28 -28.36
N TRP B 12 -25.74 -12.55 -28.27
CA TRP B 12 -24.36 -12.84 -27.88
C TRP B 12 -23.36 -12.27 -28.85
N ALA B 13 -23.71 -12.13 -30.13
CA ALA B 13 -22.76 -11.53 -31.05
C ALA B 13 -22.77 -10.01 -30.98
N GLU B 14 -23.76 -9.43 -30.30
CA GLU B 14 -23.87 -7.98 -30.20
C GLU B 14 -22.92 -7.44 -29.14
N SER B 15 -22.80 -8.12 -28.00
CA SER B 15 -21.89 -7.67 -26.95
C SER B 15 -21.51 -8.85 -26.07
N LEU B 16 -20.26 -8.82 -25.58
CA LEU B 16 -19.79 -9.74 -24.55
C LEU B 16 -20.70 -9.74 -23.31
N HIS B 17 -21.28 -8.58 -22.96
CA HIS B 17 -22.19 -8.54 -21.82
C HIS B 17 -23.43 -9.39 -22.08
N SER B 18 -23.98 -9.35 -23.30
CA SER B 18 -25.14 -10.18 -23.58
C SER B 18 -24.78 -11.66 -23.51
N LEU B 19 -23.62 -12.04 -24.07
CA LEU B 19 -23.15 -13.42 -23.97
C LEU B 19 -23.08 -13.86 -22.52
N LEU B 20 -22.54 -12.99 -21.64
CA LEU B 20 -22.33 -13.30 -20.24
C LEU B 20 -23.61 -13.23 -19.40
N ASP B 21 -24.73 -12.76 -19.96
CA ASP B 21 -26.00 -12.73 -19.25
C ASP B 21 -26.85 -13.97 -19.50
N ASP B 22 -26.32 -14.96 -20.21
CA ASP B 22 -27.08 -16.11 -20.70
C ASP B 22 -26.40 -17.39 -20.23
N GLN B 23 -27.12 -18.23 -19.49
CA GLN B 23 -26.52 -19.45 -18.97
C GLN B 23 -25.97 -20.33 -20.10
N ASP B 24 -26.71 -20.47 -21.21
CA ASP B 24 -26.19 -21.26 -22.34
C ASP B 24 -24.97 -20.60 -22.96
N GLY B 25 -24.97 -19.27 -23.08
CA GLY B 25 -23.81 -18.60 -23.65
C GLY B 25 -22.61 -18.71 -22.74
N ILE B 26 -22.83 -18.57 -21.43
CA ILE B 26 -21.74 -18.76 -20.47
C ILE B 26 -21.11 -20.13 -20.66
N SER B 27 -21.94 -21.17 -20.75
CA SER B 27 -21.42 -22.52 -20.88
C SER B 27 -20.65 -22.72 -22.19
N LEU B 28 -21.17 -22.16 -23.29
CA LEU B 28 -20.48 -22.30 -24.56
C LEU B 28 -19.17 -21.52 -24.58
N PHE B 29 -19.19 -20.30 -24.06
CA PHE B 29 -17.95 -19.53 -23.99
C PHE B 29 -16.93 -20.24 -23.11
N ARG B 30 -17.35 -20.72 -21.94
CA ARG B 30 -16.39 -21.40 -21.08
C ARG B 30 -15.83 -22.67 -21.74
N THR B 31 -16.65 -23.42 -22.47
CA THR B 31 -16.13 -24.55 -23.22
C THR B 31 -15.02 -24.10 -24.15
N PHE B 32 -15.29 -23.07 -24.95
CA PHE B 32 -14.27 -22.54 -25.84
C PHE B 32 -13.03 -22.10 -25.06
N LEU B 33 -13.20 -21.47 -23.91
CA LEU B 33 -12.04 -21.04 -23.14
C LEU B 33 -11.28 -22.24 -22.58
N LYS B 34 -12.00 -23.25 -22.10
CA LYS B 34 -11.31 -24.46 -21.67
C LYS B 34 -10.46 -25.06 -22.79
N GLN B 35 -11.01 -25.09 -24.02
CA GLN B 35 -10.22 -25.58 -25.15
C GLN B 35 -8.97 -24.74 -25.41
N GLU B 36 -9.01 -23.43 -25.15
CA GLU B 36 -7.84 -22.58 -25.36
C GLU B 36 -6.96 -22.47 -24.13
N GLY B 37 -7.35 -23.08 -23.01
CA GLY B 37 -6.60 -22.95 -21.77
C GLY B 37 -6.74 -21.64 -21.03
N CYS B 38 -7.85 -20.92 -21.18
CA CYS B 38 -8.06 -19.62 -20.56
C CYS B 38 -9.32 -19.52 -19.73
N ALA B 39 -9.91 -20.62 -19.29
CA ALA B 39 -11.18 -20.47 -18.57
C ALA B 39 -11.04 -19.55 -17.36
N ASP B 40 -9.82 -19.30 -16.88
CA ASP B 40 -9.61 -18.42 -15.74
C ASP B 40 -10.08 -17.00 -16.04
N LEU B 41 -9.90 -16.54 -17.27
CA LEU B 41 -10.40 -15.21 -17.64
C LEU B 41 -11.87 -15.07 -17.25
N LEU B 42 -12.70 -16.04 -17.64
CA LEU B 42 -14.12 -15.96 -17.36
C LEU B 42 -14.43 -16.18 -15.88
N ASP B 43 -13.75 -17.12 -15.23
CA ASP B 43 -14.06 -17.36 -13.81
C ASP B 43 -13.69 -16.16 -12.94
N PHE B 44 -12.52 -15.57 -13.16
CA PHE B 44 -12.15 -14.34 -12.47
C PHE B 44 -13.22 -13.28 -12.65
N TRP B 45 -13.66 -13.12 -13.90
CA TRP B 45 -14.66 -12.11 -14.19
C TRP B 45 -15.94 -12.33 -13.39
N PHE B 46 -16.42 -13.58 -13.29
CA PHE B 46 -17.63 -13.79 -12.50
C PHE B 46 -17.36 -13.61 -11.01
N ALA B 47 -16.17 -13.99 -10.54
CA ALA B 47 -15.83 -13.80 -9.13
C ALA B 47 -15.86 -12.31 -8.75
N CYS B 48 -15.31 -11.44 -9.59
CA CYS B 48 -15.36 -10.01 -9.29
C CYS B 48 -16.79 -9.49 -9.25
N THR B 49 -17.60 -9.86 -10.26
CA THR B 49 -19.00 -9.44 -10.29
C THR B 49 -19.71 -9.85 -9.02
N GLY B 50 -19.52 -11.11 -8.61
CA GLY B 50 -20.11 -11.59 -7.37
C GLY B 50 -19.67 -10.80 -6.15
N PHE B 51 -18.38 -10.47 -6.08
CA PHE B 51 -17.88 -9.73 -4.92
C PHE B 51 -18.40 -8.30 -4.90
N ARG B 52 -18.26 -7.58 -6.01
CA ARG B 52 -18.66 -6.16 -6.00
C ARG B 52 -20.14 -5.96 -5.78
N LYS B 53 -20.94 -6.99 -5.93
CA LYS B 53 -22.37 -6.85 -5.67
C LYS B 53 -22.66 -6.79 -4.17
N LEU B 54 -21.80 -7.36 -3.32
CA LEU B 54 -22.09 -7.38 -1.90
C LEU B 54 -22.06 -5.99 -1.27
N GLU B 55 -23.17 -5.61 -0.59
CA GLU B 55 -23.22 -4.33 0.12
C GLU B 55 -22.47 -4.48 1.44
N PRO B 56 -21.51 -3.62 1.72
CA PRO B 56 -20.75 -3.76 2.97
C PRO B 56 -21.62 -3.44 4.17
N CYS B 57 -21.40 -4.17 5.24
CA CYS B 57 -22.07 -3.96 6.53
C CYS B 57 -21.28 -4.76 7.56
N ASP B 58 -21.53 -4.48 8.83
CA ASP B 58 -20.77 -5.19 9.85
C ASP B 58 -21.08 -6.67 9.84
N SER B 59 -22.23 -7.05 9.31
CA SER B 59 -22.67 -8.43 9.30
C SER B 59 -22.04 -9.29 8.20
N ASN B 60 -21.64 -8.72 7.06
CA ASN B 60 -20.92 -9.51 6.06
C ASN B 60 -19.48 -9.03 5.85
N GLU B 61 -18.82 -8.63 6.92
CA GLU B 61 -17.49 -8.06 6.74
C GLU B 61 -16.43 -9.15 6.70
N GLU B 62 -16.60 -10.22 7.50
CA GLU B 62 -15.75 -11.40 7.38
C GLU B 62 -15.96 -12.11 6.05
N LYS B 63 -17.22 -12.31 5.65
CA LYS B 63 -17.50 -12.94 4.37
C LYS B 63 -16.84 -12.18 3.23
N ARG B 64 -16.97 -10.85 3.21
CA ARG B 64 -16.37 -10.09 2.12
C ARG B 64 -14.85 -10.12 2.18
N LEU B 65 -14.27 -10.18 3.38
CA LEU B 65 -12.82 -10.26 3.48
C LEU B 65 -12.32 -11.63 3.04
N LYS B 66 -12.96 -12.71 3.50
CA LYS B 66 -12.54 -14.03 3.06
C LYS B 66 -12.69 -14.18 1.54
N LEU B 67 -13.75 -13.60 0.96
CA LEU B 67 -13.95 -13.71 -0.48
C LEU B 67 -12.91 -12.90 -1.26
N ALA B 68 -12.59 -11.70 -0.78
CA ALA B 68 -11.55 -10.91 -1.45
C ALA B 68 -10.22 -11.64 -1.40
N ARG B 69 -9.90 -12.24 -0.25
CA ARG B 69 -8.68 -13.03 -0.12
C ARG B 69 -8.67 -14.21 -1.08
N ALA B 70 -9.79 -14.93 -1.17
CA ALA B 70 -9.88 -16.08 -2.09
C ALA B 70 -9.68 -15.66 -3.54
N ILE B 71 -10.31 -14.56 -3.96
CA ILE B 71 -10.10 -14.12 -5.35
C ILE B 71 -8.64 -13.74 -5.57
N TYR B 72 -8.03 -13.01 -4.61
CA TYR B 72 -6.62 -12.62 -4.75
C TYR B 72 -5.70 -13.85 -4.79
N ARG B 73 -5.95 -14.82 -3.91
CA ARG B 73 -5.08 -16.00 -3.84
C ARG B 73 -5.17 -16.82 -5.12
N LYS B 74 -6.37 -17.05 -5.64
CA LYS B 74 -6.50 -17.91 -6.81
C LYS B 74 -6.05 -17.24 -8.10
N TYR B 75 -6.32 -15.95 -8.30
CA TYR B 75 -6.09 -15.35 -9.62
C TYR B 75 -5.01 -14.29 -9.69
N ILE B 76 -4.63 -13.66 -8.58
CA ILE B 76 -3.65 -12.60 -8.60
C ILE B 76 -2.32 -13.07 -8.05
N LEU B 77 -2.32 -13.61 -6.82
CA LEU B 77 -1.10 -14.09 -6.19
C LEU B 77 -0.43 -15.16 -7.03
N ASP B 78 -1.24 -16.04 -7.62
CA ASP B 78 -0.73 -17.15 -8.41
C ASP B 78 -0.17 -16.61 -9.73
N ASN B 79 1.15 -16.44 -9.76
CA ASN B 79 1.79 -15.92 -10.97
C ASN B 79 1.70 -16.86 -12.17
N ASN B 80 1.30 -18.13 -11.95
CA ASN B 80 1.20 -19.08 -13.05
C ASN B 80 -0.02 -18.83 -13.93
N GLY B 81 -1.15 -18.52 -13.31
CA GLY B 81 -2.41 -18.42 -14.04
C GLY B 81 -2.43 -17.30 -15.07
N ILE B 82 -3.41 -17.40 -15.96
CA ILE B 82 -3.54 -16.47 -17.07
C ILE B 82 -4.00 -15.09 -16.59
N VAL B 83 -4.81 -15.01 -15.53
CA VAL B 83 -5.28 -13.70 -15.07
C VAL B 83 -4.10 -12.85 -14.61
N SER B 84 -3.20 -13.45 -13.83
CA SER B 84 -2.04 -12.73 -13.34
C SER B 84 -1.16 -12.22 -14.47
N ARG B 85 -1.07 -12.96 -15.58
CA ARG B 85 -0.25 -12.50 -16.70
C ARG B 85 -0.96 -11.49 -17.57
N GLN B 86 -2.28 -11.39 -17.49
CA GLN B 86 -3.03 -10.44 -18.30
C GLN B 86 -3.40 -9.17 -17.56
N THR B 87 -3.05 -9.04 -16.28
CA THR B 87 -3.31 -7.79 -15.55
C THR B 87 -2.00 -7.08 -15.27
N LYS B 88 -2.07 -5.76 -15.28
CA LYS B 88 -0.88 -4.93 -15.12
C LYS B 88 -0.27 -5.10 -13.72
N PRO B 89 1.04 -4.98 -13.62
CA PRO B 89 1.68 -5.07 -12.30
C PRO B 89 1.17 -4.08 -11.26
N ALA B 90 0.94 -2.82 -11.64
CA ALA B 90 0.42 -1.85 -10.67
C ALA B 90 -0.92 -2.28 -10.13
N THR B 91 -1.77 -2.83 -10.99
CA THR B 91 -3.06 -3.36 -10.55
C THR B 91 -2.89 -4.53 -9.58
N LYS B 92 -1.92 -5.43 -9.86
CA LYS B 92 -1.70 -6.53 -8.93
C LYS B 92 -1.17 -6.04 -7.59
N SER B 93 -0.25 -5.07 -7.59
CA SER B 93 0.24 -4.49 -6.33
C SER B 93 -0.87 -3.77 -5.59
N PHE B 94 -1.71 -3.03 -6.32
CA PHE B 94 -2.83 -2.36 -5.65
C PHE B 94 -3.73 -3.37 -4.97
N ILE B 95 -4.17 -4.41 -5.70
CA ILE B 95 -5.03 -5.43 -5.11
C ILE B 95 -4.34 -6.06 -3.90
N LYS B 96 -3.04 -6.35 -4.03
CA LYS B 96 -2.31 -6.94 -2.91
C LYS B 96 -2.32 -6.02 -1.70
N GLY B 97 -1.97 -4.73 -1.92
CA GLY B 97 -2.10 -3.73 -0.87
C GLY B 97 -3.46 -3.73 -0.20
N CYS B 98 -4.54 -3.76 -0.99
CA CYS B 98 -5.87 -3.76 -0.40
C CYS B 98 -6.09 -4.98 0.47
N ILE B 99 -5.59 -6.14 0.04
CA ILE B 99 -5.82 -7.35 0.82
C ILE B 99 -5.04 -7.27 2.11
N MET B 100 -3.74 -6.96 2.03
CA MET B 100 -2.89 -6.90 3.21
C MET B 100 -3.42 -5.90 4.24
N LYS B 101 -3.74 -4.66 3.83
CA LYS B 101 -4.24 -3.68 4.79
C LYS B 101 -5.75 -3.76 5.04
N GLN B 102 -6.45 -4.74 4.45
CA GLN B 102 -7.90 -4.94 4.59
C GLN B 102 -8.69 -3.72 4.14
N LEU B 103 -8.30 -3.14 2.99
CA LEU B 103 -9.10 -2.07 2.39
C LEU B 103 -10.03 -2.77 1.39
N ILE B 104 -11.08 -3.37 1.94
CA ILE B 104 -11.95 -4.28 1.21
C ILE B 104 -13.18 -3.53 0.72
N ASP B 105 -12.95 -2.61 -0.19
CA ASP B 105 -13.90 -1.75 -0.91
C ASP B 105 -14.56 -2.51 -2.07
N PRO B 106 -15.88 -2.35 -2.27
CA PRO B 106 -16.56 -3.08 -3.36
C PRO B 106 -15.92 -2.87 -4.73
N ALA B 107 -15.17 -1.79 -4.90
CA ALA B 107 -14.51 -1.51 -6.17
C ALA B 107 -13.05 -1.94 -6.24
N MET B 108 -12.53 -2.71 -5.25
CA MET B 108 -11.09 -3.01 -5.23
C MET B 108 -10.64 -3.88 -6.43
N PHE B 109 -11.53 -4.67 -7.03
CA PHE B 109 -11.14 -5.45 -8.21
C PHE B 109 -11.51 -4.79 -9.54
N ASP B 110 -12.13 -3.61 -9.54
CA ASP B 110 -12.69 -3.05 -10.76
C ASP B 110 -11.65 -2.83 -11.85
N GLN B 111 -10.46 -2.38 -11.48
CA GLN B 111 -9.46 -2.13 -12.52
C GLN B 111 -8.99 -3.45 -13.15
N ALA B 112 -8.81 -4.49 -12.33
CA ALA B 112 -8.44 -5.79 -12.86
C ALA B 112 -9.56 -6.36 -13.73
N GLN B 113 -10.80 -6.27 -13.27
CA GLN B 113 -11.91 -6.76 -14.08
C GLN B 113 -12.01 -5.98 -15.39
N THR B 114 -11.74 -4.68 -15.35
CA THR B 114 -11.75 -3.93 -16.59
C THR B 114 -10.68 -4.43 -17.56
N GLU B 115 -9.49 -4.74 -17.05
CA GLU B 115 -8.42 -5.21 -17.94
C GLU B 115 -8.71 -6.59 -18.50
N ILE B 116 -9.28 -7.48 -17.68
CA ILE B 116 -9.60 -8.83 -18.10
C ILE B 116 -10.73 -8.83 -19.11
N GLN B 117 -11.75 -8.00 -18.89
CA GLN B 117 -12.79 -7.82 -19.88
C GLN B 117 -12.21 -7.32 -21.21
N ALA B 118 -11.28 -6.36 -21.15
CA ALA B 118 -10.62 -5.91 -22.36
C ALA B 118 -9.86 -7.06 -23.03
N THR B 119 -9.13 -7.86 -22.24
CA THR B 119 -8.45 -9.04 -22.77
C THR B 119 -9.42 -9.92 -23.56
N MET B 120 -10.60 -10.19 -22.98
CA MET B 120 -11.58 -11.05 -23.65
C MET B 120 -12.09 -10.40 -24.94
N GLU B 121 -12.49 -9.13 -24.87
CA GLU B 121 -13.05 -8.46 -26.06
C GLU B 121 -12.05 -8.32 -27.19
N GLU B 122 -10.75 -8.43 -26.89
CA GLU B 122 -9.72 -8.27 -27.89
C GLU B 122 -9.29 -9.58 -28.52
N ASN B 123 -9.53 -10.72 -27.87
CA ASN B 123 -9.13 -11.97 -28.52
C ASN B 123 -10.14 -13.12 -28.36
N THR B 124 -10.35 -13.60 -27.13
CA THR B 124 -11.11 -14.84 -26.98
C THR B 124 -12.58 -14.65 -27.32
N TYR B 125 -13.17 -13.49 -27.00
CA TYR B 125 -14.58 -13.27 -27.34
C TYR B 125 -14.80 -13.21 -28.85
N PRO B 126 -14.08 -12.40 -29.62
CA PRO B 126 -14.24 -12.49 -31.09
C PRO B 126 -13.89 -13.86 -31.66
N SER B 127 -12.83 -14.48 -31.16
CA SER B 127 -12.50 -15.83 -31.62
C SER B 127 -13.64 -16.80 -31.37
N PHE B 128 -14.27 -16.73 -30.19
CA PHE B 128 -15.42 -17.57 -29.89
C PHE B 128 -16.50 -17.44 -30.96
N LEU B 129 -16.73 -16.21 -31.44
CA LEU B 129 -17.78 -16.01 -32.43
C LEU B 129 -17.41 -16.60 -33.80
N LYS B 130 -16.14 -16.95 -34.03
CA LYS B 130 -15.70 -17.68 -35.21
C LYS B 130 -15.57 -19.18 -34.96
N SER B 131 -15.94 -19.65 -33.78
CA SER B 131 -15.67 -21.03 -33.39
C SER B 131 -16.84 -21.94 -33.75
N ASP B 132 -16.50 -23.22 -33.92
CA ASP B 132 -17.53 -24.22 -34.16
C ASP B 132 -18.47 -24.33 -32.98
N ILE B 133 -17.97 -24.12 -31.75
CA ILE B 133 -18.83 -24.19 -30.58
C ILE B 133 -19.98 -23.20 -30.72
N TYR B 134 -19.69 -21.98 -31.13
CA TYR B 134 -20.75 -21.00 -31.26
C TYR B 134 -21.54 -21.20 -32.56
N LEU B 135 -20.81 -21.35 -33.70
CA LEU B 135 -21.50 -21.42 -34.98
C LEU B 135 -22.43 -22.62 -35.04
N GLU B 136 -22.06 -23.72 -34.40
CA GLU B 136 -22.93 -24.88 -34.52
C GLU B 136 -24.11 -24.78 -33.58
N TYR B 137 -23.97 -24.06 -32.46
CA TYR B 137 -25.12 -23.77 -31.62
C TYR B 137 -26.12 -22.91 -32.38
N THR B 138 -25.60 -22.10 -33.30
CA THR B 138 -26.41 -21.25 -34.17
C THR B 138 -27.32 -22.07 -35.07
N ARG B 139 -26.82 -23.22 -35.58
CA ARG B 139 -27.65 -24.15 -36.35
C ARG B 139 -28.58 -24.95 -35.46
N THR B 140 -28.04 -25.65 -34.45
CA THR B 140 -28.75 -26.67 -33.68
C THR B 140 -28.86 -26.17 -32.22
N GLY B 141 -29.93 -25.41 -31.93
CA GLY B 141 -30.03 -24.66 -30.70
C GLY B 141 -30.63 -25.40 -29.51
N SER B 142 -30.86 -24.63 -28.44
CA SER B 142 -31.53 -25.11 -27.21
C SER B 142 -32.65 -24.15 -26.82
N SER C 4 -1.03 12.68 -16.96
CA SER C 4 -0.81 13.72 -15.95
C SER C 4 -0.12 13.22 -14.63
N PRO C 5 1.06 13.76 -14.30
CA PRO C 5 1.84 13.17 -13.20
C PRO C 5 1.35 13.58 -11.81
N THR C 6 1.52 12.67 -10.86
CA THR C 6 1.10 12.98 -9.49
C THR C 6 1.80 14.28 -9.06
N PRO C 7 1.06 15.30 -8.63
CA PRO C 7 1.68 16.56 -8.19
C PRO C 7 2.40 16.39 -6.86
N PRO C 8 3.36 17.28 -6.55
CA PRO C 8 4.23 17.05 -5.38
C PRO C 8 3.52 16.92 -4.06
N TYR C 9 2.53 17.78 -3.75
CA TYR C 9 1.91 17.68 -2.43
C TYR C 9 1.28 16.30 -2.20
N LEU C 10 0.84 15.63 -3.26
CA LEU C 10 0.32 14.27 -3.12
C LEU C 10 1.46 13.26 -3.02
N LYS C 11 2.56 13.50 -3.72
CA LYS C 11 3.71 12.62 -3.60
C LYS C 11 4.22 12.60 -2.17
N TRP C 12 4.25 13.77 -1.51
CA TRP C 12 4.69 13.79 -0.11
C TRP C 12 3.77 12.99 0.80
N ALA C 13 2.47 12.93 0.48
CA ALA C 13 1.56 12.19 1.33
C ALA C 13 1.60 10.70 1.07
N GLU C 14 2.29 10.29 0.01
CA GLU C 14 2.37 8.88 -0.29
C GLU C 14 3.39 8.19 0.60
N SER C 15 4.56 8.79 0.76
CA SER C 15 5.61 8.20 1.58
C SER C 15 6.55 9.30 2.09
N LEU C 16 7.09 9.07 3.30
CA LEU C 16 8.19 9.88 3.80
C LEU C 16 9.34 9.94 2.80
N HIS C 17 9.57 8.86 2.05
CA HIS C 17 10.65 8.86 1.07
C HIS C 17 10.43 9.88 -0.04
N SER C 18 9.19 9.99 -0.55
CA SER C 18 8.91 10.97 -1.60
C SER C 18 9.05 12.39 -1.07
N LEU C 19 8.55 12.66 0.14
CA LEU C 19 8.71 13.97 0.77
C LEU C 19 10.19 14.36 0.87
N LEU C 20 11.04 13.44 1.35
CA LEU C 20 12.42 13.85 1.56
C LEU C 20 13.20 14.02 0.24
N ASP C 21 12.62 13.67 -0.91
CA ASP C 21 13.26 13.95 -2.19
C ASP C 21 12.81 15.28 -2.79
N ASP C 22 12.05 16.08 -2.05
CA ASP C 22 11.50 17.32 -2.57
C ASP C 22 11.96 18.45 -1.68
N GLN C 23 12.74 19.37 -2.25
CA GLN C 23 13.23 20.48 -1.44
C GLN C 23 12.07 21.24 -0.81
N ASP C 24 11.00 21.48 -1.59
CA ASP C 24 9.85 22.18 -1.04
C ASP C 24 9.20 21.39 0.09
N GLY C 25 9.17 20.06 -0.04
CA GLY C 25 8.59 19.25 1.02
C GLY C 25 9.45 19.19 2.27
N ILE C 26 10.78 19.06 2.09
CA ILE C 26 11.68 19.08 3.23
C ILE C 26 11.48 20.35 4.06
N SER C 27 11.41 21.50 3.37
CA SER C 27 11.26 22.77 4.06
C SER C 27 9.97 22.84 4.86
N LEU C 28 8.87 22.43 4.25
CA LEU C 28 7.58 22.50 4.94
C LEU C 28 7.55 21.56 6.12
N PHE C 29 8.13 20.36 5.95
CA PHE C 29 8.21 19.42 7.05
C PHE C 29 9.07 19.99 8.17
N ARG C 30 10.23 20.56 7.83
CA ARG C 30 11.11 21.13 8.86
C ARG C 30 10.44 22.25 9.64
N THR C 31 9.67 23.12 8.95
CA THR C 31 8.88 24.12 9.65
C THR C 31 7.95 23.47 10.67
N PHE C 32 7.22 22.44 10.25
CA PHE C 32 6.39 21.70 11.20
C PHE C 32 7.25 21.08 12.29
N LEU C 33 8.42 20.53 11.93
CA LEU C 33 9.25 19.87 12.93
C LEU C 33 9.80 20.88 13.93
N LYS C 34 10.23 22.05 13.45
CA LYS C 34 10.64 23.09 14.38
C LYS C 34 9.50 23.42 15.34
N GLN C 35 8.27 23.52 14.82
CA GLN C 35 7.11 23.78 15.69
C GLN C 35 6.92 22.72 16.75
N GLU C 36 7.28 21.48 16.46
CA GLU C 36 7.14 20.39 17.44
C GLU C 36 8.39 20.16 18.27
N GLY C 37 9.48 20.88 17.97
CA GLY C 37 10.71 20.67 18.68
C GLY C 37 11.38 19.39 18.28
N CYS C 38 11.18 18.92 17.05
CA CYS C 38 11.76 17.66 16.61
C CYS C 38 12.63 17.80 15.38
N ALA C 39 13.02 19.02 14.99
CA ALA C 39 13.77 19.18 13.74
C ALA C 39 15.08 18.40 13.70
N ASP C 40 15.59 17.97 14.87
CA ASP C 40 16.85 17.22 14.89
C ASP C 40 16.73 15.88 14.18
N LEU C 41 15.56 15.24 14.27
CA LEU C 41 15.32 14.02 13.53
C LEU C 41 15.64 14.22 12.06
N LEU C 42 15.13 15.30 11.47
CA LEU C 42 15.38 15.55 10.05
C LEU C 42 16.83 15.95 9.79
N ASP C 43 17.41 16.79 10.65
CA ASP C 43 18.78 17.24 10.42
C ASP C 43 19.77 16.09 10.56
N PHE C 44 19.63 15.30 11.63
CA PHE C 44 20.46 14.11 11.77
C PHE C 44 20.34 13.22 10.54
N TRP C 45 19.11 13.01 10.07
CA TRP C 45 18.89 12.14 8.93
C TRP C 45 19.65 12.62 7.70
N PHE C 46 19.63 13.93 7.44
CA PHE C 46 20.38 14.43 6.31
C PHE C 46 21.88 14.35 6.55
N ALA C 47 22.30 14.60 7.81
CA ALA C 47 23.71 14.51 8.16
C ALA C 47 24.28 13.12 7.88
N CYS C 48 23.54 12.07 8.23
CA CYS C 48 24.03 10.72 7.97
C CYS C 48 24.20 10.48 6.49
N THR C 49 23.20 10.85 5.69
CA THR C 49 23.30 10.72 4.24
C THR C 49 24.55 11.40 3.72
N GLY C 50 24.77 12.65 4.15
CA GLY C 50 25.98 13.35 3.74
C GLY C 50 27.24 12.59 4.09
N PHE C 51 27.31 12.01 5.29
CA PHE C 51 28.52 11.32 5.73
C PHE C 51 28.73 10.00 4.98
N ARG C 52 27.66 9.19 4.87
CA ARG C 52 27.78 7.90 4.23
C ARG C 52 28.13 8.04 2.75
N LYS C 53 28.02 9.26 2.21
CA LYS C 53 28.44 9.54 0.85
C LYS C 53 29.96 9.56 0.83
N LEU C 54 30.56 10.66 1.32
CA LEU C 54 32.00 10.94 1.37
C LEU C 54 32.84 9.68 1.21
N GLU C 55 33.77 9.70 0.21
CA GLU C 55 34.53 8.52 -0.20
C GLU C 55 35.62 8.19 0.81
N PRO C 56 35.69 6.93 1.31
CA PRO C 56 36.71 6.56 2.30
C PRO C 56 38.13 6.61 1.74
N CYS C 57 38.47 7.72 1.08
CA CYS C 57 39.76 7.93 0.45
C CYS C 57 40.90 8.03 1.46
N ASP C 58 41.68 9.09 1.37
CA ASP C 58 42.81 9.32 2.25
C ASP C 58 43.19 10.78 2.17
N SER C 59 42.79 11.46 1.09
CA SER C 59 42.97 12.90 1.07
C SER C 59 41.94 13.53 1.98
N ASN C 60 40.76 12.90 2.05
CA ASN C 60 39.77 13.08 3.10
C ASN C 60 39.68 11.76 3.84
N GLU C 61 40.22 11.73 5.06
CA GLU C 61 40.28 10.55 5.89
C GLU C 61 40.21 11.20 7.26
N GLU C 62 40.81 12.38 7.25
CA GLU C 62 40.78 13.35 8.34
C GLU C 62 39.39 13.96 8.41
N LYS C 63 38.93 14.46 7.26
CA LYS C 63 37.59 14.99 7.09
C LYS C 63 36.54 13.97 7.54
N ARG C 64 36.73 12.71 7.16
CA ARG C 64 35.74 11.70 7.55
C ARG C 64 35.70 11.49 9.06
N LEU C 65 36.85 11.63 9.75
CA LEU C 65 36.90 11.44 11.21
C LEU C 65 36.37 12.67 11.96
N LYS C 66 36.82 13.86 11.58
CA LYS C 66 36.32 15.06 12.23
C LYS C 66 34.81 15.20 12.07
N LEU C 67 34.30 14.79 10.91
CA LEU C 67 32.86 14.86 10.66
C LEU C 67 32.10 13.81 11.45
N ALA C 68 32.62 12.59 11.52
CA ALA C 68 31.96 11.55 12.30
C ALA C 68 31.85 11.97 13.77
N ARG C 69 32.91 12.60 14.31
CA ARG C 69 32.87 13.14 15.66
C ARG C 69 31.81 14.23 15.80
N ALA C 70 31.76 15.14 14.83
CA ALA C 70 30.78 16.23 14.86
C ALA C 70 29.35 15.72 14.84
N ILE C 71 29.05 14.69 14.04
CA ILE C 71 27.69 14.16 14.01
C ILE C 71 27.31 13.52 15.34
N TYR C 72 28.21 12.70 15.89
CA TYR C 72 27.92 12.05 17.17
C TYR C 72 27.76 13.09 18.26
N ARG C 73 28.63 14.10 18.23
CA ARG C 73 28.64 15.14 19.26
C ARG C 73 27.35 15.97 19.23
N LYS C 74 26.92 16.35 18.03
CA LYS C 74 25.77 17.21 17.92
C LYS C 74 24.43 16.49 18.14
N TYR C 75 24.31 15.19 17.78
CA TYR C 75 23.00 14.53 17.79
C TYR C 75 22.86 13.35 18.75
N ILE C 76 23.95 12.69 19.13
CA ILE C 76 23.90 11.47 19.93
C ILE C 76 24.38 11.71 21.36
N LEU C 77 25.51 12.40 21.50
CA LEU C 77 26.15 12.62 22.81
C LEU C 77 25.20 13.25 23.81
N ASP C 78 24.40 14.22 23.36
CA ASP C 78 23.47 14.93 24.25
C ASP C 78 22.28 14.02 24.51
N ASN C 79 22.29 13.35 25.65
CA ASN C 79 21.21 12.41 25.94
C ASN C 79 19.86 13.11 26.10
N ASN C 80 19.86 14.45 26.14
CA ASN C 80 18.59 15.19 26.15
C ASN C 80 17.94 15.19 24.78
N GLY C 81 18.74 15.38 23.71
CA GLY C 81 18.19 15.61 22.39
C GLY C 81 17.34 14.47 21.88
N ILE C 82 16.53 14.78 20.86
CA ILE C 82 15.52 13.82 20.41
C ILE C 82 16.18 12.63 19.73
N VAL C 83 17.30 12.84 19.03
CA VAL C 83 17.94 11.73 18.34
C VAL C 83 18.47 10.71 19.35
N SER C 84 19.12 11.19 20.40
CA SER C 84 19.69 10.26 21.39
C SER C 84 18.61 9.42 22.05
N ARG C 85 17.43 10.00 22.25
CA ARG C 85 16.34 9.29 22.92
C ARG C 85 15.60 8.32 22.02
N GLN C 86 15.68 8.49 20.69
CA GLN C 86 14.97 7.63 19.76
C GLN C 86 15.87 6.59 19.11
N THR C 87 17.13 6.53 19.50
CA THR C 87 18.07 5.59 18.90
C THR C 87 18.37 4.46 19.87
N LYS C 88 18.68 3.29 19.33
CA LYS C 88 18.91 2.13 20.17
C LYS C 88 20.23 2.28 20.94
N PRO C 89 20.24 1.93 22.22
CA PRO C 89 21.49 1.98 23.01
C PRO C 89 22.62 1.18 22.38
N ALA C 90 22.33 0.00 21.84
CA ALA C 90 23.38 -0.79 21.19
C ALA C 90 23.97 -0.04 20.00
N THR C 91 23.12 0.63 19.22
CA THR C 91 23.60 1.43 18.09
C THR C 91 24.43 2.61 18.56
N LYS C 92 23.97 3.28 19.62
CA LYS C 92 24.70 4.44 20.15
C LYS C 92 26.03 4.00 20.73
N SER C 93 26.01 2.92 21.54
CA SER C 93 27.25 2.41 22.09
C SER C 93 28.17 1.94 20.98
N PHE C 94 27.62 1.25 19.98
CA PHE C 94 28.44 0.82 18.87
C PHE C 94 29.04 2.01 18.11
N ILE C 95 28.20 3.01 17.78
CA ILE C 95 28.73 4.21 17.09
C ILE C 95 29.82 4.86 17.92
N LYS C 96 29.60 4.94 19.24
CA LYS C 96 30.61 5.52 20.11
C LYS C 96 31.90 4.72 20.07
N GLY C 97 31.82 3.40 20.27
CA GLY C 97 33.00 2.56 20.14
C GLY C 97 33.80 2.86 18.88
N CYS C 98 33.12 2.95 17.75
CA CYS C 98 33.83 3.20 16.50
C CYS C 98 34.57 4.53 16.50
N ILE C 99 33.97 5.59 17.05
CA ILE C 99 34.63 6.90 17.03
C ILE C 99 35.86 6.89 17.97
N MET C 100 35.73 6.27 19.15
CA MET C 100 36.88 6.18 20.04
C MET C 100 38.05 5.52 19.32
N LYS C 101 37.82 4.29 18.82
CA LYS C 101 38.80 3.45 18.15
C LYS C 101 39.07 3.88 16.72
N GLN C 102 38.46 4.97 16.26
CA GLN C 102 38.65 5.51 14.91
C GLN C 102 38.31 4.47 13.84
N LEU C 103 37.21 3.73 14.07
CA LEU C 103 36.63 2.76 13.12
C LEU C 103 35.49 3.41 12.34
N ILE C 104 35.85 4.09 11.24
CA ILE C 104 34.99 5.00 10.50
C ILE C 104 34.29 4.30 9.31
N ASP C 105 33.36 3.40 9.64
CA ASP C 105 32.57 2.61 8.69
C ASP C 105 31.53 3.52 8.03
N PRO C 106 31.61 3.83 6.69
CA PRO C 106 30.68 4.82 6.10
C PRO C 106 29.21 4.48 6.35
N ALA C 107 28.94 3.23 6.70
CA ALA C 107 27.62 2.78 7.10
C ALA C 107 27.40 2.83 8.61
N MET C 108 28.29 3.52 9.37
CA MET C 108 28.21 3.48 10.83
C MET C 108 26.99 4.21 11.37
N PHE C 109 26.51 5.23 10.66
CA PHE C 109 25.29 5.88 11.12
C PHE C 109 24.04 5.27 10.51
N ASP C 110 24.23 4.34 9.56
CA ASP C 110 23.11 3.79 8.82
C ASP C 110 22.11 3.06 9.74
N GLN C 111 22.55 2.34 10.78
CA GLN C 111 21.50 1.85 11.67
C GLN C 111 20.81 2.99 12.37
N ALA C 112 21.58 4.01 12.78
CA ALA C 112 20.96 5.12 13.49
C ALA C 112 19.99 5.88 12.59
N GLN C 113 20.43 6.14 11.35
CA GLN C 113 19.59 6.82 10.38
C GLN C 113 18.32 6.04 10.12
N THR C 114 18.42 4.70 10.05
CA THR C 114 17.25 3.86 9.85
C THR C 114 16.29 3.95 11.02
N GLU C 115 16.83 3.97 12.23
CA GLU C 115 15.96 4.06 13.40
C GLU C 115 15.31 5.42 13.50
N ILE C 116 16.03 6.47 13.11
CA ILE C 116 15.47 7.81 13.16
C ILE C 116 14.39 7.95 12.08
N GLN C 117 14.67 7.43 10.87
CA GLN C 117 13.66 7.43 9.80
C GLN C 117 12.40 6.70 10.24
N ALA C 118 12.56 5.57 10.90
CA ALA C 118 11.42 4.87 11.45
C ALA C 118 10.68 5.75 12.45
N THR C 119 11.42 6.43 13.34
CA THR C 119 10.81 7.36 14.29
C THR C 119 9.94 8.39 13.57
N MET C 120 10.44 8.94 12.46
CA MET C 120 9.69 9.95 11.72
C MET C 120 8.43 9.34 11.11
N GLU C 121 8.56 8.17 10.45
CA GLU C 121 7.41 7.50 9.83
C GLU C 121 6.34 7.07 10.83
N GLU C 122 6.67 6.96 12.11
CA GLU C 122 5.67 6.50 13.06
C GLU C 122 4.91 7.64 13.71
N ASN C 123 5.46 8.86 13.73
CA ASN C 123 4.68 9.92 14.34
C ASN C 123 4.77 11.27 13.65
N THR C 124 5.98 11.87 13.55
CA THR C 124 6.03 13.25 13.08
C THR C 124 5.59 13.35 11.62
N TYR C 125 5.93 12.35 10.79
CA TYR C 125 5.53 12.40 9.40
C TYR C 125 4.01 12.27 9.21
N PRO C 126 3.32 11.29 9.84
CA PRO C 126 1.86 11.30 9.75
C PRO C 126 1.25 12.55 10.34
N SER C 127 1.77 13.00 11.48
CA SER C 127 1.27 14.22 12.09
C SER C 127 1.40 15.38 11.12
N PHE C 128 2.52 15.45 10.40
CA PHE C 128 2.67 16.51 9.40
C PHE C 128 1.53 16.50 8.39
N LEU C 129 1.14 15.31 7.91
CA LEU C 129 0.12 15.27 6.86
C LEU C 129 -1.27 15.64 7.39
N LYS C 130 -1.50 15.61 8.70
CA LYS C 130 -2.73 16.11 9.31
C LYS C 130 -2.59 17.51 9.87
N SER C 131 -1.48 18.18 9.62
CA SER C 131 -1.16 19.43 10.29
C SER C 131 -1.77 20.60 9.54
N ASP C 132 -1.96 21.72 10.26
CA ASP C 132 -2.47 22.93 9.61
C ASP C 132 -1.52 23.43 8.52
N ILE C 133 -0.22 23.35 8.75
CA ILE C 133 0.73 23.86 7.76
C ILE C 133 0.61 23.10 6.45
N TYR C 134 0.51 21.77 6.52
CA TYR C 134 0.42 20.99 5.29
C TYR C 134 -1.00 21.08 4.70
N LEU C 135 -2.03 20.90 5.55
CA LEU C 135 -3.40 20.91 5.05
C LEU C 135 -3.76 22.24 4.40
N GLU C 136 -3.16 23.35 4.86
CA GLU C 136 -3.43 24.67 4.24
C GLU C 136 -2.56 24.96 3.03
N TYR C 137 -1.41 24.30 2.90
CA TYR C 137 -0.65 24.32 1.65
C TYR C 137 -1.40 23.59 0.57
N THR C 138 -2.34 22.74 0.99
CA THR C 138 -3.10 21.89 0.07
C THR C 138 -3.96 22.71 -0.90
N ARG C 139 -4.67 23.74 -0.38
CA ARG C 139 -5.48 24.61 -1.25
C ARG C 139 -4.59 25.39 -2.20
N THR C 140 -3.51 25.94 -1.66
CA THR C 140 -2.69 26.99 -2.28
C THR C 140 -1.30 26.47 -2.67
N GLY C 141 -1.26 25.49 -3.59
CA GLY C 141 -0.04 24.76 -3.90
C GLY C 141 0.87 25.53 -4.85
N SER C 142 2.05 24.95 -5.13
CA SER C 142 2.97 25.52 -6.14
C SER C 142 3.44 24.47 -7.15
N SER D 4 -10.97 -10.08 11.34
CA SER D 4 -10.35 -11.40 11.14
C SER D 4 -8.84 -11.30 10.83
N PRO D 5 -8.02 -12.04 11.58
CA PRO D 5 -6.56 -11.90 11.40
C PRO D 5 -6.11 -12.61 10.13
N THR D 6 -5.15 -11.99 9.44
CA THR D 6 -4.59 -12.55 8.23
C THR D 6 -4.13 -13.98 8.45
N PRO D 7 -4.47 -14.92 7.56
CA PRO D 7 -3.94 -16.27 7.66
C PRO D 7 -2.46 -16.26 7.34
N PRO D 8 -1.69 -17.27 7.78
CA PRO D 8 -0.23 -17.18 7.66
C PRO D 8 0.30 -17.02 6.23
N TYR D 9 -0.22 -17.75 5.25
CA TYR D 9 0.35 -17.62 3.91
C TYR D 9 0.28 -16.19 3.38
N LEU D 10 -0.73 -15.42 3.81
CA LEU D 10 -0.80 -14.02 3.41
C LEU D 10 0.17 -13.16 4.20
N LYS D 11 0.39 -13.49 5.47
CA LYS D 11 1.37 -12.76 6.25
C LYS D 11 2.78 -12.91 5.65
N TRP D 12 3.13 -14.11 5.18
CA TRP D 12 4.45 -14.29 4.55
C TRP D 12 4.57 -13.47 3.28
N ALA D 13 3.46 -13.27 2.56
CA ALA D 13 3.50 -12.49 1.33
C ALA D 13 3.52 -11.00 1.59
N GLU D 14 3.25 -10.58 2.82
CA GLU D 14 3.23 -9.16 3.12
C GLU D 14 4.65 -8.63 3.28
N SER D 15 5.48 -9.36 4.02
CA SER D 15 6.85 -8.92 4.29
C SER D 15 7.72 -10.14 4.61
N LEU D 16 9.00 -10.06 4.20
CA LEU D 16 10.01 -11.03 4.62
C LEU D 16 10.04 -11.16 6.13
N HIS D 17 9.74 -10.04 6.76
CA HIS D 17 9.78 -9.81 8.20
C HIS D 17 8.80 -10.75 8.91
N SER D 18 7.58 -10.82 8.35
CA SER D 18 6.52 -11.72 8.80
C SER D 18 6.83 -13.16 8.41
N LEU D 19 7.35 -13.38 7.19
CA LEU D 19 7.74 -14.74 6.79
C LEU D 19 8.73 -15.33 7.77
N LEU D 20 9.74 -14.54 8.17
CA LEU D 20 10.77 -15.02 9.08
C LEU D 20 10.29 -15.10 10.52
N ASP D 21 9.09 -14.59 10.83
CA ASP D 21 8.51 -14.69 12.16
C ASP D 21 7.67 -15.95 12.34
N ASP D 22 7.63 -16.81 11.33
CA ASP D 22 6.71 -17.94 11.31
C ASP D 22 7.52 -19.21 11.10
N GLN D 23 7.44 -20.14 12.06
CA GLN D 23 8.20 -21.38 11.97
C GLN D 23 7.88 -22.12 10.66
N ASP D 24 6.59 -22.21 10.32
CA ASP D 24 6.21 -22.91 9.09
C ASP D 24 6.74 -22.21 7.83
N GLY D 25 6.74 -20.87 7.84
CA GLY D 25 7.24 -20.12 6.69
C GLY D 25 8.74 -20.26 6.50
N ILE D 26 9.48 -20.23 7.62
CA ILE D 26 10.92 -20.49 7.58
C ILE D 26 11.20 -21.86 6.93
N SER D 27 10.46 -22.90 7.35
CA SER D 27 10.72 -24.23 6.82
C SER D 27 10.52 -24.25 5.32
N LEU D 28 9.46 -23.60 4.85
CA LEU D 28 9.20 -23.60 3.41
C LEU D 28 10.17 -22.67 2.69
N PHE D 29 10.51 -21.52 3.29
CA PHE D 29 11.49 -20.64 2.65
C PHE D 29 12.86 -21.30 2.59
N ARG D 30 13.34 -21.87 3.71
CA ARG D 30 14.63 -22.56 3.68
C ARG D 30 14.62 -23.73 2.68
N THR D 31 13.48 -24.46 2.61
CA THR D 31 13.34 -25.50 1.58
C THR D 31 13.53 -24.92 0.18
N PHE D 32 12.84 -23.84 -0.12
CA PHE D 32 13.07 -23.17 -1.39
C PHE D 32 14.53 -22.74 -1.51
N LEU D 33 15.12 -22.24 -0.41
CA LEU D 33 16.51 -21.77 -0.47
C LEU D 33 17.48 -22.92 -0.67
N LYS D 34 17.29 -24.03 0.06
CA LYS D 34 18.11 -25.22 -0.16
C LYS D 34 18.01 -25.68 -1.60
N GLN D 35 16.81 -25.64 -2.19
CA GLN D 35 16.67 -25.91 -3.63
C GLN D 35 17.48 -24.95 -4.48
N GLU D 36 17.64 -23.71 -4.05
CA GLU D 36 18.37 -22.70 -4.83
C GLU D 36 19.83 -22.58 -4.46
N GLY D 37 20.30 -23.25 -3.41
CA GLY D 37 21.68 -23.11 -2.99
C GLY D 37 21.99 -21.80 -2.31
N CYS D 38 21.01 -21.19 -1.65
CA CYS D 38 21.21 -19.91 -1.00
C CYS D 38 20.84 -19.96 0.48
N ALA D 39 20.69 -21.15 1.06
CA ALA D 39 20.28 -21.22 2.47
C ALA D 39 21.23 -20.48 3.39
N ASP D 40 22.44 -20.16 2.91
CA ASP D 40 23.38 -19.43 3.76
C ASP D 40 22.82 -18.07 4.13
N LEU D 41 22.11 -17.44 3.21
CA LEU D 41 21.43 -16.17 3.50
C LEU D 41 20.56 -16.29 4.75
N LEU D 42 19.72 -17.33 4.82
CA LEU D 42 18.83 -17.47 5.97
C LEU D 42 19.58 -17.90 7.22
N ASP D 43 20.53 -18.83 7.10
CA ASP D 43 21.23 -19.30 8.29
C ASP D 43 22.09 -18.20 8.88
N PHE D 44 22.85 -17.48 8.03
CA PHE D 44 23.62 -16.33 8.50
C PHE D 44 22.72 -15.31 9.17
N TRP D 45 21.56 -15.03 8.57
CA TRP D 45 20.65 -14.03 9.13
C TRP D 45 20.24 -14.40 10.56
N PHE D 46 19.95 -15.68 10.80
CA PHE D 46 19.60 -16.07 12.17
C PHE D 46 20.83 -16.04 13.07
N ALA D 47 21.99 -16.42 12.55
CA ALA D 47 23.20 -16.43 13.37
C ALA D 47 23.48 -15.05 13.94
N CYS D 48 23.32 -14.00 13.12
CA CYS D 48 23.53 -12.65 13.62
C CYS D 48 22.52 -12.28 14.71
N THR D 49 21.25 -12.65 14.53
CA THR D 49 20.27 -12.36 15.57
C THR D 49 20.64 -13.03 16.89
N GLY D 50 20.94 -14.34 16.85
CA GLY D 50 21.36 -15.03 18.06
C GLY D 50 22.56 -14.41 18.74
N PHE D 51 23.56 -13.99 17.97
CA PHE D 51 24.78 -13.47 18.57
C PHE D 51 24.52 -12.14 19.29
N ARG D 52 23.85 -11.20 18.60
CA ARG D 52 23.60 -9.89 19.20
C ARG D 52 22.58 -9.99 20.33
N LYS D 53 21.87 -11.11 20.45
CA LYS D 53 20.98 -11.30 21.57
C LYS D 53 21.77 -11.55 22.86
N LEU D 54 22.95 -12.16 22.76
CA LEU D 54 23.76 -12.46 23.95
C LEU D 54 24.19 -11.17 24.64
N GLU D 55 23.94 -11.10 25.96
CA GLU D 55 24.20 -9.91 26.79
C GLU D 55 25.69 -9.80 27.15
N PRO D 56 26.35 -8.63 26.88
CA PRO D 56 27.79 -8.43 27.21
C PRO D 56 28.19 -8.33 28.69
N CYS D 57 28.71 -9.41 29.24
CA CYS D 57 29.13 -9.63 30.62
C CYS D 57 30.43 -10.40 30.55
N ASP D 58 31.09 -10.66 31.66
CA ASP D 58 32.32 -11.40 31.42
C ASP D 58 32.11 -12.91 31.47
N SER D 59 30.90 -13.32 31.84
CA SER D 59 30.41 -14.68 31.64
C SER D 59 30.10 -15.05 30.18
N ASN D 60 30.06 -14.10 29.23
CA ASN D 60 29.93 -14.56 27.83
C ASN D 60 31.27 -14.44 27.16
N GLU D 61 32.18 -13.63 27.72
CA GLU D 61 33.06 -12.83 26.86
C GLU D 61 33.91 -13.71 25.97
N GLU D 62 34.32 -14.85 26.50
CA GLU D 62 34.91 -15.88 25.68
C GLU D 62 33.87 -16.49 24.73
N LYS D 63 32.69 -16.85 25.27
CA LYS D 63 31.63 -17.42 24.43
C LYS D 63 31.30 -16.52 23.24
N ARG D 64 31.17 -15.22 23.48
CA ARG D 64 30.84 -14.29 22.41
C ARG D 64 31.97 -14.17 21.39
N LEU D 65 33.23 -14.24 21.83
CA LEU D 65 34.35 -14.18 20.90
C LEU D 65 34.46 -15.48 20.11
N LYS D 66 34.30 -16.61 20.77
CA LYS D 66 34.31 -17.87 20.04
C LYS D 66 33.17 -17.91 19.03
N LEU D 67 32.01 -17.34 19.37
CA LEU D 67 30.88 -17.35 18.46
C LEU D 67 31.08 -16.40 17.29
N ALA D 68 31.59 -15.19 17.55
CA ALA D 68 31.86 -14.26 16.47
C ALA D 68 32.85 -14.84 15.45
N ARG D 69 33.90 -15.50 15.93
CA ARG D 69 34.83 -16.18 15.05
C ARG D 69 34.14 -17.28 14.25
N ALA D 70 33.30 -18.07 14.91
CA ALA D 70 32.57 -19.14 14.22
C ALA D 70 31.63 -18.60 13.15
N ILE D 71 30.91 -17.51 13.43
CA ILE D 71 30.05 -16.92 12.41
C ILE D 71 30.88 -16.38 11.25
N TYR D 72 31.99 -15.68 11.56
CA TYR D 72 32.85 -15.12 10.52
C TYR D 72 33.45 -16.23 9.67
N ARG D 73 33.90 -17.29 10.33
CA ARG D 73 34.56 -18.39 9.65
C ARG D 73 33.59 -19.11 8.71
N LYS D 74 32.36 -19.36 9.17
CA LYS D 74 31.43 -20.14 8.37
C LYS D 74 30.81 -19.36 7.20
N TYR D 75 30.52 -18.06 7.35
CA TYR D 75 29.76 -17.35 6.33
C TYR D 75 30.51 -16.22 5.64
N ILE D 76 31.56 -15.66 6.23
CA ILE D 76 32.25 -14.49 5.67
C ILE D 76 33.60 -14.86 5.07
N LEU D 77 34.42 -15.62 5.81
CA LEU D 77 35.80 -15.93 5.44
C LEU D 77 35.90 -16.56 4.06
N ASP D 78 35.00 -17.49 3.73
CA ASP D 78 35.03 -18.18 2.45
C ASP D 78 34.46 -17.27 1.38
N ASN D 79 35.32 -16.64 0.59
CA ASN D 79 34.87 -15.72 -0.45
C ASN D 79 34.02 -16.41 -1.52
N ASN D 80 33.96 -17.74 -1.52
CA ASN D 80 33.07 -18.46 -2.42
C ASN D 80 31.61 -18.36 -1.97
N GLY D 81 31.35 -18.47 -0.66
CA GLY D 81 29.97 -18.58 -0.19
C GLY D 81 29.14 -17.35 -0.54
N ILE D 82 27.82 -17.54 -0.49
CA ILE D 82 26.93 -16.48 -0.99
C ILE D 82 26.90 -15.29 -0.04
N VAL D 83 26.99 -15.53 1.26
CA VAL D 83 27.00 -14.39 2.19
C VAL D 83 28.19 -13.51 1.89
N SER D 84 29.37 -14.11 1.70
CA SER D 84 30.54 -13.31 1.43
C SER D 84 30.40 -12.51 0.13
N ARG D 85 29.74 -13.10 -0.87
CA ARG D 85 29.62 -12.40 -2.15
C ARG D 85 28.53 -11.35 -2.17
N GLN D 86 27.58 -11.44 -1.24
CA GLN D 86 26.46 -10.52 -1.18
C GLN D 86 26.66 -9.41 -0.14
N THR D 87 27.79 -9.38 0.55
CA THR D 87 28.08 -8.32 1.50
C THR D 87 29.19 -7.42 0.94
N LYS D 88 29.09 -6.14 1.26
CA LYS D 88 30.02 -5.14 0.74
C LYS D 88 31.42 -5.35 1.32
N PRO D 89 32.47 -5.07 0.54
CA PRO D 89 33.84 -5.28 1.06
C PRO D 89 34.13 -4.54 2.36
N ALA D 90 33.67 -3.30 2.50
CA ALA D 90 33.90 -2.58 3.74
C ALA D 90 33.28 -3.29 4.93
N THR D 91 32.07 -3.82 4.76
CA THR D 91 31.43 -4.52 5.88
C THR D 91 32.24 -5.73 6.29
N LYS D 92 32.80 -6.45 5.31
CA LYS D 92 33.60 -7.63 5.61
C LYS D 92 34.93 -7.26 6.25
N SER D 93 35.61 -6.22 5.75
CA SER D 93 36.87 -5.78 6.36
C SER D 93 36.64 -5.27 7.77
N PHE D 94 35.55 -4.55 7.99
CA PHE D 94 35.24 -4.11 9.33
C PHE D 94 35.08 -5.29 10.28
N ILE D 95 34.22 -6.26 9.95
CA ILE D 95 34.02 -7.42 10.82
C ILE D 95 35.34 -8.13 11.07
N LYS D 96 36.17 -8.28 10.02
CA LYS D 96 37.47 -8.93 10.17
C LYS D 96 38.34 -8.17 11.16
N GLY D 97 38.46 -6.85 10.99
CA GLY D 97 39.19 -6.04 11.97
C GLY D 97 38.73 -6.25 13.39
N CYS D 98 37.41 -6.21 13.62
CA CYS D 98 36.91 -6.38 14.99
C CYS D 98 37.28 -7.74 15.55
N ILE D 99 37.21 -8.79 14.72
CA ILE D 99 37.54 -10.12 15.21
C ILE D 99 39.03 -10.24 15.52
N MET D 100 39.88 -9.69 14.65
CA MET D 100 41.32 -9.70 14.92
C MET D 100 41.62 -9.04 16.26
N LYS D 101 41.11 -7.82 16.49
CA LYS D 101 41.31 -7.07 17.72
C LYS D 101 40.40 -7.52 18.86
N GLN D 102 39.60 -8.55 18.67
CA GLN D 102 38.70 -9.08 19.70
C GLN D 102 37.76 -8.02 20.26
N LEU D 103 37.21 -7.19 19.39
CA LEU D 103 36.19 -6.20 19.77
C LEU D 103 34.82 -6.80 19.48
N ILE D 104 34.30 -7.57 20.44
CA ILE D 104 33.14 -8.42 20.18
C ILE D 104 31.86 -7.66 20.56
N ASP D 105 31.58 -6.63 19.78
CA ASP D 105 30.45 -5.71 19.95
C ASP D 105 29.15 -6.37 19.49
N PRO D 106 28.08 -6.40 20.31
CA PRO D 106 26.89 -7.16 19.87
C PRO D 106 26.30 -6.64 18.56
N ALA D 107 26.61 -5.41 18.17
CA ALA D 107 26.11 -4.87 16.91
C ALA D 107 27.09 -5.07 15.75
N MET D 108 28.12 -5.92 15.94
CA MET D 108 29.17 -6.04 14.92
C MET D 108 28.70 -6.74 13.64
N PHE D 109 27.70 -7.61 13.70
CA PHE D 109 27.20 -8.25 12.50
C PHE D 109 26.00 -7.54 11.89
N ASP D 110 25.51 -6.48 12.52
CA ASP D 110 24.24 -5.86 12.13
C ASP D 110 24.28 -5.32 10.71
N GLN D 111 25.39 -4.72 10.29
CA GLN D 111 25.45 -4.17 8.94
C GLN D 111 25.50 -5.29 7.89
N ALA D 112 26.22 -6.38 8.17
CA ALA D 112 26.17 -7.52 7.27
C ALA D 112 24.76 -8.13 7.24
N GLN D 113 24.14 -8.27 8.42
CA GLN D 113 22.78 -8.80 8.48
C GLN D 113 21.81 -7.95 7.68
N THR D 114 21.98 -6.62 7.72
CA THR D 114 21.13 -5.72 6.95
C THR D 114 21.35 -5.92 5.45
N GLU D 115 22.59 -6.09 5.01
CA GLU D 115 22.84 -6.30 3.59
C GLU D 115 22.35 -7.68 3.13
N ILE D 116 22.47 -8.69 3.99
CA ILE D 116 21.98 -10.01 3.63
C ILE D 116 20.46 -10.04 3.62
N GLN D 117 19.86 -9.39 4.61
CA GLN D 117 18.43 -9.20 4.59
C GLN D 117 17.97 -8.46 3.33
N ALA D 118 18.67 -7.40 2.95
CA ALA D 118 18.33 -6.71 1.72
C ALA D 118 18.48 -7.64 0.52
N THR D 119 19.58 -8.41 0.46
CA THR D 119 19.75 -9.38 -0.61
C THR D 119 18.54 -10.30 -0.72
N MET D 120 18.03 -10.78 0.41
CA MET D 120 16.89 -11.68 0.40
C MET D 120 15.64 -10.99 -0.18
N GLU D 121 15.34 -9.77 0.29
CA GLU D 121 14.17 -9.04 -0.21
C GLU D 121 14.26 -8.71 -1.70
N GLU D 122 15.45 -8.67 -2.27
CA GLU D 122 15.65 -8.27 -3.66
C GLU D 122 15.63 -9.42 -4.65
N ASN D 123 15.81 -10.68 -4.21
CA ASN D 123 15.69 -11.78 -5.16
C ASN D 123 15.01 -13.04 -4.61
N THR D 124 15.61 -13.71 -3.61
CA THR D 124 15.12 -15.03 -3.23
C THR D 124 13.74 -14.96 -2.60
N TYR D 125 13.46 -13.91 -1.82
CA TYR D 125 12.14 -13.80 -1.21
C TYR D 125 11.05 -13.57 -2.24
N PRO D 126 11.17 -12.62 -3.19
CA PRO D 126 10.15 -12.52 -4.24
C PRO D 126 10.03 -13.81 -5.05
N SER D 127 11.15 -14.42 -5.40
CA SER D 127 11.09 -15.70 -6.11
C SER D 127 10.36 -16.74 -5.28
N PHE D 128 10.63 -16.79 -3.97
CA PHE D 128 9.90 -17.73 -3.12
C PHE D 128 8.40 -17.55 -3.23
N LEU D 129 7.94 -16.30 -3.28
CA LEU D 129 6.49 -16.07 -3.30
C LEU D 129 5.87 -16.51 -4.62
N LYS D 130 6.69 -16.72 -5.67
CA LYS D 130 6.28 -17.29 -6.96
C LYS D 130 6.59 -18.79 -7.09
N SER D 131 7.02 -19.45 -6.02
CA SER D 131 7.52 -20.81 -6.15
C SER D 131 6.40 -21.84 -5.94
N ASP D 132 6.62 -23.03 -6.51
CA ASP D 132 5.65 -24.10 -6.33
C ASP D 132 5.50 -24.45 -4.86
N ILE D 133 6.62 -24.38 -4.11
CA ILE D 133 6.56 -24.67 -2.68
C ILE D 133 5.60 -23.71 -2.00
N TYR D 134 5.69 -22.41 -2.31
CA TYR D 134 4.83 -21.45 -1.64
C TYR D 134 3.40 -21.47 -2.19
N LEU D 135 3.25 -21.43 -3.52
CA LEU D 135 1.91 -21.29 -4.08
C LEU D 135 0.99 -22.42 -3.62
N GLU D 136 1.57 -23.60 -3.40
CA GLU D 136 0.75 -24.75 -3.15
C GLU D 136 0.43 -24.88 -1.66
N TYR D 137 1.26 -24.30 -0.82
CA TYR D 137 0.89 -24.16 0.59
C TYR D 137 -0.30 -23.21 0.77
N THR D 138 -0.50 -22.26 -0.18
CA THR D 138 -1.62 -21.31 -0.07
C THR D 138 -2.97 -22.03 -0.13
N ARG D 139 -3.09 -23.06 -0.98
CA ARG D 139 -4.29 -23.89 -1.05
C ARG D 139 -4.38 -24.85 0.14
N THR D 140 -3.28 -25.54 0.45
CA THR D 140 -3.35 -26.69 1.36
C THR D 140 -2.60 -26.48 2.68
N GLY D 141 -2.76 -25.32 3.32
CA GLY D 141 -1.89 -24.94 4.42
C GLY D 141 -2.32 -25.28 5.84
N SER D 142 -1.42 -25.93 6.58
CA SER D 142 -1.53 -26.07 8.04
C SER D 142 -0.18 -25.77 8.69
C10 I5L E . -15.24 -20.19 -2.32
C13 I5L E . -15.79 -21.46 -5.05
C15 I5L E . -13.80 -19.82 -0.26
C17 I5L E . -11.58 -21.10 -0.46
C20 I5L E . -10.89 -19.98 0.39
C01 I5L E . -13.25 -18.45 -8.07
C02 I5L E . -12.56 -17.32 -7.28
C03 I5L E . -12.69 -17.24 -5.83
C04 I5L E . -13.56 -18.33 -5.12
C05 I5L E . -14.21 -19.38 -5.82
C06 I5L E . -14.08 -19.48 -7.37
C08 I5L E . -14.64 -19.58 -3.62
C09 I5L E . -14.88 -20.16 -4.90
C11 I5L E . -16.11 -21.43 -2.43
C12 I5L E . -16.38 -22.07 -3.80
C14 I5L E . -14.88 -19.44 -0.96
C16 I5L E . -12.92 -21.01 -0.76
C18 I5L E . -10.79 -22.28 -0.96
O07 I5L E . -13.83 -18.46 -3.76
O19 I5L E . -13.11 -18.50 -9.47
O21 I5L E . -10.84 -20.07 1.60
#